data_7JIK
#
_entry.id   7JIK
#
_cell.length_a   159.645
_cell.length_b   172.976
_cell.length_c   113.439
_cell.angle_alpha   90.000
_cell.angle_beta   90.000
_cell.angle_gamma   90.000
#
_symmetry.space_group_name_H-M   'C 2 2 21'
#
loop_
_entity.id
_entity.type
_entity.pdbx_description
1 polymer 'Beta-2-glycoprotein 1'
2 branched alpha-D-mannopyranose-(1-4)-2-acetamido-2-deoxy-beta-D-glucopyranose-(1-4)-[alpha-L-fucopyranose-(1-6)]2-acetamido-2-deoxy-beta-D-glucopyranose
3 branched 2-acetamido-2-deoxy-beta-D-glucopyranose-(1-4)-[alpha-L-fucopyranose-(1-6)]2-acetamido-2-deoxy-beta-D-glucopyranose
4 non-polymer 2-acetamido-2-deoxy-beta-D-glucopyranose
#
_entity_poly.entity_id   1
_entity_poly.type   'polypeptide(L)'
_entity_poly.pdbx_seq_one_letter_code
;GRTCPKPDDLPFSTVVPLKTFYEPGEEITYSCKPGYVSRGGMRKFICPLTGLWPINTLKCTPRVCPFAGILENGAVRYTT
FEYPNTISFSCNTGFYLNGADSAKCTEEGKWSPELPVCAPIICPPPSIPTFATLRVYKPSAGNNSLYRDTAVFECLPQHA
MFGNDTITCTTHGNWTKLPECREVKCPFPSRPDNGFVNYPAKPTLYYKDKATFGCHDGYSLDGPEEIECTKLGNWSAMPS
CKASCKVPVKKATVVYQGERVKIQEKFKNGMLHGDKVSFFCKNKEKKCSYTEDAQCIDGTIEVPKCFKEHSSLAFWKTDA
SDVKPC
;
_entity_poly.pdbx_strand_id   A
#
loop_
_chem_comp.id
_chem_comp.type
_chem_comp.name
_chem_comp.formula
FUC L-saccharide, alpha linking alpha-L-fucopyranose 'C6 H12 O5'
MAN D-saccharide, alpha linking alpha-D-mannopyranose 'C6 H12 O6'
NAG D-saccharide, beta linking 2-acetamido-2-deoxy-beta-D-glucopyranose 'C8 H15 N O6'
#
# COMPACT_ATOMS: atom_id res chain seq x y z
N GLY A 1 70.11 -45.19 24.43
CA GLY A 1 69.94 -44.01 23.59
C GLY A 1 68.48 -43.54 23.47
N ARG A 2 68.19 -42.33 23.99
CA ARG A 2 66.84 -41.81 24.15
C ARG A 2 66.69 -40.42 23.53
N THR A 3 65.83 -40.30 22.52
CA THR A 3 65.43 -39.01 21.99
C THR A 3 63.98 -38.74 22.39
N CYS A 4 63.56 -37.43 22.26
CA CYS A 4 62.13 -37.21 22.43
C CYS A 4 61.41 -37.31 21.10
N PRO A 5 60.17 -37.77 21.05
CA PRO A 5 59.45 -37.90 19.78
C PRO A 5 58.90 -36.55 19.33
N LYS A 6 58.26 -36.57 18.17
CA LYS A 6 57.50 -35.44 17.71
C LYS A 6 56.51 -35.02 18.80
N PRO A 7 56.42 -33.74 19.14
CA PRO A 7 55.56 -33.32 20.24
C PRO A 7 54.10 -33.51 19.92
N ASP A 8 53.30 -33.60 20.98
CA ASP A 8 51.87 -33.72 20.79
C ASP A 8 51.32 -32.52 20.06
N ASP A 9 50.32 -32.73 19.22
CA ASP A 9 49.62 -31.62 18.60
C ASP A 9 48.43 -31.24 19.48
N LEU A 10 48.51 -30.07 20.13
CA LEU A 10 47.42 -29.59 20.95
C LEU A 10 46.49 -28.70 20.14
N PRO A 11 45.22 -28.59 20.54
CA PRO A 11 44.29 -27.73 19.80
C PRO A 11 44.71 -26.27 19.79
N PHE A 12 44.64 -25.67 18.59
CA PHE A 12 44.79 -24.22 18.38
C PHE A 12 46.17 -23.71 18.77
N SER A 13 47.21 -24.49 18.46
CA SER A 13 48.53 -24.17 18.92
C SER A 13 49.51 -24.45 17.78
N THR A 14 50.72 -23.95 17.95
CA THR A 14 51.85 -24.33 17.11
C THR A 14 53.03 -24.59 18.02
N VAL A 15 53.94 -25.44 17.56
CA VAL A 15 55.18 -25.75 18.28
C VAL A 15 56.35 -25.31 17.41
N VAL A 16 57.42 -24.83 18.04
CA VAL A 16 58.58 -24.38 17.28
C VAL A 16 59.82 -24.71 18.07
N PRO A 17 60.86 -25.32 17.47
CA PRO A 17 60.85 -25.90 16.12
C PRO A 17 60.17 -27.26 16.10
N LEU A 18 59.32 -27.53 15.11
CA LEU A 18 58.67 -28.83 14.95
C LEU A 18 59.58 -29.80 14.21
N LYS A 19 60.12 -30.78 14.92
CA LYS A 19 60.92 -31.85 14.34
C LYS A 19 60.29 -33.21 14.64
N THR A 20 60.79 -34.25 13.97
CA THR A 20 60.25 -35.59 14.21
C THR A 20 60.99 -36.30 15.34
N PHE A 21 62.15 -35.80 15.74
CA PHE A 21 62.76 -36.24 16.98
C PHE A 21 63.71 -35.15 17.46
N TYR A 22 64.03 -35.18 18.76
CA TYR A 22 64.86 -34.18 19.42
C TYR A 22 65.95 -34.81 20.27
N GLU A 23 67.14 -34.18 20.30
CA GLU A 23 68.16 -34.67 21.23
C GLU A 23 67.89 -34.13 22.63
N PRO A 24 68.26 -34.84 23.68
CA PRO A 24 68.09 -34.27 25.03
C PRO A 24 68.83 -32.94 25.10
N GLY A 25 68.16 -31.95 25.71
CA GLY A 25 68.66 -30.59 25.79
C GLY A 25 68.06 -29.63 24.78
N GLU A 26 67.39 -30.12 23.75
CA GLU A 26 66.77 -29.21 22.80
C GLU A 26 65.49 -28.64 23.37
N GLU A 27 65.09 -27.49 22.85
CA GLU A 27 63.99 -26.73 23.40
C GLU A 27 62.91 -26.54 22.36
N ILE A 28 61.66 -26.67 22.80
CA ILE A 28 60.52 -26.35 21.96
C ILE A 28 59.65 -25.34 22.69
N THR A 29 58.86 -24.62 21.92
CA THR A 29 57.97 -23.60 22.45
C THR A 29 56.58 -23.80 21.86
N TYR A 30 55.59 -23.88 22.74
CA TYR A 30 54.19 -23.95 22.39
C TYR A 30 53.61 -22.55 22.47
N SER A 31 52.87 -22.14 21.43
CA SER A 31 52.18 -20.85 21.43
C SER A 31 50.77 -21.08 20.91
N CYS A 32 49.81 -20.35 21.46
CA CYS A 32 48.46 -20.42 20.92
C CYS A 32 48.40 -19.67 19.58
N LYS A 33 47.68 -20.26 18.63
CA LYS A 33 47.41 -19.62 17.34
C LYS A 33 46.78 -18.24 17.54
N PRO A 34 46.98 -17.30 16.60
CA PRO A 34 46.37 -15.97 16.75
C PRO A 34 44.85 -16.06 16.89
N GLY A 35 44.32 -15.19 17.77
CA GLY A 35 42.94 -15.29 18.19
C GLY A 35 42.70 -16.21 19.38
N TYR A 36 43.69 -16.98 19.82
CA TYR A 36 43.52 -17.89 20.94
C TYR A 36 44.41 -17.47 22.09
N VAL A 37 43.98 -17.84 23.30
CA VAL A 37 44.73 -17.54 24.52
C VAL A 37 44.64 -18.75 25.44
N SER A 38 45.57 -18.82 26.38
CA SER A 38 45.51 -19.89 27.38
C SER A 38 46.23 -19.48 28.65
N ARG A 39 45.71 -19.90 29.78
CA ARG A 39 46.31 -19.59 31.05
C ARG A 39 47.75 -20.04 31.11
N GLY A 40 48.60 -19.17 31.62
CA GLY A 40 50.01 -19.45 31.76
C GLY A 40 50.87 -19.02 30.58
N GLY A 41 50.24 -18.72 29.44
CA GLY A 41 50.96 -18.28 28.26
C GLY A 41 51.63 -19.42 27.51
N MET A 42 52.75 -19.10 26.87
CA MET A 42 53.61 -20.09 26.25
C MET A 42 54.08 -21.13 27.26
N ARG A 43 54.34 -22.34 26.76
CA ARG A 43 55.08 -23.34 27.52
C ARG A 43 56.37 -23.62 26.76
N LYS A 44 57.50 -23.46 27.43
CA LYS A 44 58.74 -24.00 26.87
C LYS A 44 59.08 -25.31 27.57
N PHE A 45 59.74 -26.21 26.83
CA PHE A 45 60.17 -27.48 27.37
C PHE A 45 61.54 -27.82 26.82
N ILE A 46 62.35 -28.47 27.64
CA ILE A 46 63.61 -29.03 27.22
C ILE A 46 63.43 -30.54 27.13
N CYS A 47 63.85 -31.13 26.02
CA CYS A 47 63.83 -32.57 25.88
C CYS A 47 64.73 -33.24 26.92
N PRO A 48 64.19 -34.01 27.86
CA PRO A 48 65.02 -34.60 28.91
C PRO A 48 65.73 -35.87 28.46
N LEU A 49 66.71 -36.28 29.26
CA LEU A 49 67.50 -37.49 28.95
C LEU A 49 66.63 -38.73 28.84
N THR A 50 65.48 -38.74 29.50
CA THR A 50 64.59 -39.88 29.39
C THR A 50 63.91 -39.97 28.03
N GLY A 51 63.91 -38.91 27.23
CA GLY A 51 63.15 -38.88 26.01
C GLY A 51 61.65 -38.74 26.16
N LEU A 52 61.18 -38.32 27.33
CA LEU A 52 59.77 -38.17 27.53
C LEU A 52 59.39 -36.75 27.82
N TRP A 53 58.59 -36.17 26.95
CA TRP A 53 58.11 -34.84 27.15
C TRP A 53 57.15 -34.89 28.30
N PRO A 54 57.17 -33.88 29.13
CA PRO A 54 56.35 -33.68 30.31
C PRO A 54 54.93 -33.29 30.02
N ILE A 55 54.12 -33.26 31.05
CA ILE A 55 52.73 -32.90 30.95
C ILE A 55 52.55 -31.48 30.46
N ASN A 56 51.62 -31.29 29.54
CA ASN A 56 51.37 -29.99 28.99
C ASN A 56 50.08 -29.39 29.49
N THR A 57 50.19 -28.39 30.32
CA THR A 57 49.05 -27.71 30.92
C THR A 57 48.34 -26.75 29.97
N LEU A 58 48.88 -26.56 28.75
CA LEU A 58 48.36 -25.56 27.83
C LEU A 58 46.98 -25.91 27.31
N LYS A 59 46.09 -24.90 27.28
CA LYS A 59 44.65 -25.08 27.01
C LYS A 59 44.17 -23.86 26.20
N CYS A 60 44.40 -23.89 24.88
CA CYS A 60 44.14 -22.74 24.04
C CYS A 60 42.66 -22.58 23.72
N THR A 61 42.12 -21.40 24.01
CA THR A 61 40.73 -21.12 23.68
C THR A 61 40.59 -19.76 23.02
N PRO A 62 39.55 -19.59 22.21
CA PRO A 62 39.42 -18.36 21.43
C PRO A 62 39.25 -17.16 22.33
N ARG A 63 40.00 -16.12 22.02
CA ARG A 63 39.77 -14.83 22.64
C ARG A 63 38.29 -14.46 22.53
N VAL A 64 37.82 -13.60 23.42
CA VAL A 64 36.39 -13.29 23.48
C VAL A 64 36.23 -11.78 23.36
N CYS A 65 35.34 -11.37 22.46
CA CYS A 65 35.19 -9.93 22.29
C CYS A 65 34.21 -9.42 23.31
N PRO A 66 34.16 -8.11 23.52
CA PRO A 66 33.16 -7.56 24.45
C PRO A 66 31.75 -8.00 24.05
N PHE A 67 30.94 -8.26 25.07
CA PHE A 67 29.53 -8.61 24.87
C PHE A 67 28.84 -7.61 23.95
N ALA A 68 28.16 -8.13 22.93
CA ALA A 68 27.45 -7.26 21.99
C ALA A 68 26.11 -7.86 21.58
N GLY A 69 25.34 -8.30 22.55
CA GLY A 69 24.04 -8.84 22.19
C GLY A 69 22.88 -7.86 22.24
N ILE A 70 23.08 -6.63 22.68
CA ILE A 70 21.99 -5.68 22.82
C ILE A 70 22.24 -4.50 21.89
N LEU A 71 21.47 -4.41 20.79
CA LEU A 71 21.49 -3.24 19.92
C LEU A 71 20.22 -2.44 20.23
N GLU A 72 20.36 -1.32 20.92
CA GLU A 72 19.19 -0.54 21.30
C GLU A 72 18.37 -0.19 20.06
N ASN A 73 17.09 -0.55 20.09
CA ASN A 73 16.15 -0.34 18.99
C ASN A 73 16.49 -1.18 17.78
N GLY A 74 17.14 -2.32 18.02
CA GLY A 74 17.51 -3.17 16.92
C GLY A 74 17.70 -4.59 17.38
N ALA A 75 18.43 -5.36 16.58
CA ALA A 75 18.56 -6.76 16.89
C ALA A 75 19.88 -7.26 16.33
N VAL A 76 20.56 -8.10 17.13
CA VAL A 76 21.85 -8.70 16.77
C VAL A 76 21.62 -10.18 16.51
N ARG A 77 22.22 -10.68 15.44
CA ARG A 77 22.26 -12.10 15.18
C ARG A 77 23.62 -12.63 15.59
N TYR A 78 23.65 -13.52 16.59
CA TYR A 78 24.94 -14.05 17.02
C TYR A 78 24.79 -15.48 17.49
N THR A 79 25.89 -16.21 17.42
CA THR A 79 26.01 -17.48 18.14
C THR A 79 26.82 -17.25 19.40
N THR A 80 28.07 -16.89 19.24
CA THR A 80 28.90 -16.58 20.37
C THR A 80 29.84 -15.45 20.01
N PHE A 81 30.45 -14.83 20.99
CA PHE A 81 31.32 -13.72 20.72
C PHE A 81 32.79 -14.07 20.67
N GLU A 82 33.06 -15.27 20.19
CA GLU A 82 34.41 -15.79 20.07
C GLU A 82 35.19 -15.18 18.91
N TYR A 83 36.46 -15.56 18.77
CA TYR A 83 37.37 -14.98 17.79
C TYR A 83 36.94 -15.06 16.32
N PRO A 84 36.65 -16.24 15.79
CA PRO A 84 36.47 -16.29 14.34
C PRO A 84 35.16 -15.66 13.95
N ASN A 85 34.25 -15.59 14.90
CA ASN A 85 32.88 -15.17 14.69
C ASN A 85 32.48 -13.77 14.25
N THR A 86 31.39 -13.73 13.50
CA THR A 86 30.81 -12.54 12.94
C THR A 86 29.41 -12.35 13.49
N ILE A 87 28.99 -11.11 13.64
CA ILE A 87 27.65 -10.83 14.12
C ILE A 87 26.97 -9.83 13.21
N SER A 88 25.65 -9.91 13.07
CA SER A 88 24.89 -9.04 12.20
C SER A 88 23.95 -8.12 12.90
N PHE A 89 23.70 -6.96 12.34
CA PHE A 89 22.79 -5.99 12.94
C PHE A 89 21.63 -5.63 12.01
N SER A 90 20.47 -5.39 12.61
CA SER A 90 19.36 -4.73 11.93
C SER A 90 18.55 -3.92 12.95
N CYS A 91 17.69 -3.05 12.44
CA CYS A 91 16.98 -2.12 13.29
C CYS A 91 15.48 -2.39 13.28
N ASN A 92 14.84 -2.02 14.36
CA ASN A 92 13.40 -2.04 14.41
C ASN A 92 12.83 -1.00 13.47
N THR A 93 11.57 -1.19 13.07
CA THR A 93 10.96 -0.29 12.11
C THR A 93 10.90 1.12 12.69
N GLY A 94 11.18 2.12 11.82
CA GLY A 94 11.29 3.50 12.23
C GLY A 94 12.70 3.97 12.55
N PHE A 95 13.67 3.05 12.54
CA PHE A 95 15.06 3.30 12.85
C PHE A 95 15.93 2.83 11.71
N TYR A 96 17.09 3.46 11.54
CA TYR A 96 18.08 3.04 10.54
C TYR A 96 19.42 2.73 11.20
N LEU A 97 20.18 1.87 10.52
CA LEU A 97 21.49 1.41 10.97
C LEU A 97 22.58 2.45 10.70
N ASN A 98 23.15 3.00 11.76
CA ASN A 98 24.18 4.02 11.64
C ASN A 98 25.55 3.38 11.91
N GLY A 99 26.11 2.79 10.87
CA GLY A 99 27.28 1.97 11.04
C GLY A 99 27.16 0.75 10.18
N ALA A 100 28.11 -0.17 10.32
CA ALA A 100 28.11 -1.35 9.49
C ALA A 100 27.10 -2.38 10.00
N ASP A 101 26.55 -3.16 9.08
CA ASP A 101 25.58 -4.18 9.45
C ASP A 101 26.23 -5.49 9.89
N SER A 102 27.55 -5.58 9.94
CA SER A 102 28.24 -6.81 10.26
C SER A 102 29.50 -6.43 11.04
N ALA A 103 30.00 -7.33 11.86
CA ALA A 103 31.25 -7.06 12.57
C ALA A 103 31.87 -8.40 12.92
N LYS A 104 33.21 -8.45 12.91
CA LYS A 104 33.94 -9.66 13.25
C LYS A 104 34.74 -9.41 14.51
N CYS A 105 34.89 -10.49 15.29
CA CYS A 105 35.86 -10.55 16.38
C CYS A 105 37.24 -10.84 15.81
N THR A 106 38.21 -9.98 16.10
CA THR A 106 39.52 -10.12 15.48
C THR A 106 40.46 -10.91 16.38
N GLU A 107 41.63 -11.28 15.84
CA GLU A 107 42.68 -11.86 16.67
C GLU A 107 42.99 -10.99 17.89
N GLU A 108 42.90 -9.67 17.77
CA GLU A 108 43.18 -8.84 18.94
C GLU A 108 42.05 -8.83 19.95
N GLY A 109 40.93 -9.50 19.66
CA GLY A 109 39.78 -9.49 20.53
C GLY A 109 38.95 -8.23 20.48
N LYS A 110 38.97 -7.52 19.35
CA LYS A 110 38.20 -6.31 19.13
C LYS A 110 37.12 -6.60 18.09
N TRP A 111 36.08 -5.77 18.09
CA TRP A 111 35.10 -5.81 17.01
C TRP A 111 35.60 -4.90 15.90
N SER A 112 35.56 -5.45 14.69
CA SER A 112 35.97 -4.78 13.45
C SER A 112 34.98 -4.96 12.29
N PRO A 113 34.27 -3.90 11.90
CA PRO A 113 34.37 -2.52 12.36
C PRO A 113 33.69 -2.27 13.66
N GLU A 114 33.67 -1.04 14.12
CA GLU A 114 33.06 -0.77 15.40
C GLU A 114 31.56 -0.98 15.30
N LEU A 115 30.99 -1.50 16.39
CA LEU A 115 29.57 -1.80 16.41
C LEU A 115 28.73 -0.56 16.10
N PRO A 116 27.65 -0.71 15.33
CA PRO A 116 26.82 0.42 14.91
C PRO A 116 25.80 0.80 15.97
N VAL A 117 25.02 1.84 15.67
CA VAL A 117 23.86 2.16 16.48
C VAL A 117 22.67 2.41 15.57
N CYS A 118 21.48 2.35 16.16
CA CYS A 118 20.21 2.51 15.46
C CYS A 118 19.71 3.94 15.69
N ALA A 119 19.46 4.66 14.60
CA ALA A 119 18.96 6.00 14.86
C ALA A 119 17.57 6.20 14.26
N PRO A 120 16.76 7.08 14.86
CA PRO A 120 15.42 7.33 14.32
C PRO A 120 15.47 7.95 12.94
N ILE A 121 14.64 7.42 12.04
CA ILE A 121 14.50 7.95 10.71
C ILE A 121 13.78 9.29 10.77
N ILE A 122 14.34 10.29 10.08
CA ILE A 122 13.85 11.66 10.17
C ILE A 122 13.70 12.25 8.78
N CYS A 123 12.56 12.99 8.53
CA CYS A 123 12.39 13.75 7.29
C CYS A 123 12.50 15.24 7.56
N PRO A 124 13.11 15.98 6.64
CA PRO A 124 13.17 17.43 6.78
C PRO A 124 11.78 18.01 6.56
N PRO A 125 11.57 19.28 6.92
CA PRO A 125 10.27 19.89 6.69
C PRO A 125 9.90 19.85 5.22
N PRO A 126 8.65 19.51 4.91
CA PRO A 126 8.26 19.28 3.51
C PRO A 126 8.11 20.58 2.73
N SER A 127 8.38 20.46 1.44
CA SER A 127 8.23 21.58 0.53
C SER A 127 6.75 21.77 0.19
N ILE A 128 6.29 23.00 0.19
CA ILE A 128 4.92 23.30 -0.17
C ILE A 128 4.83 23.57 -1.67
N PRO A 129 3.88 22.95 -2.35
CA PRO A 129 3.72 23.08 -3.80
C PRO A 129 3.18 24.43 -4.23
N THR A 130 3.47 24.81 -5.46
CA THR A 130 3.00 26.10 -5.95
C THR A 130 1.49 26.04 -6.00
N PHE A 131 0.85 27.10 -5.48
CA PHE A 131 -0.60 27.26 -5.37
C PHE A 131 -1.14 26.17 -4.52
N ALA A 132 -0.63 26.08 -3.31
CA ALA A 132 -1.05 25.06 -2.38
C ALA A 132 -0.91 25.56 -0.98
N THR A 133 -1.53 24.87 -0.06
CA THR A 133 -1.45 25.26 1.32
C THR A 133 -1.35 24.00 2.16
N LEU A 134 -0.85 24.11 3.38
CA LEU A 134 -0.74 22.95 4.24
C LEU A 134 -1.88 22.87 5.20
N ARG A 135 -2.78 21.93 5.00
CA ARG A 135 -3.89 21.80 5.93
C ARG A 135 -3.43 21.28 7.27
N VAL A 136 -3.08 20.01 7.33
CA VAL A 136 -2.61 19.50 8.59
C VAL A 136 -1.20 18.95 8.51
N TYR A 137 -0.37 19.40 9.43
CA TYR A 137 1.03 19.01 9.55
C TYR A 137 1.67 19.48 10.83
N LYS A 138 2.08 18.55 11.68
CA LYS A 138 2.83 18.94 12.86
C LYS A 138 4.02 18.03 13.04
N PRO A 139 5.21 18.61 13.18
CA PRO A 139 6.49 17.92 13.35
C PRO A 139 6.61 17.23 14.67
N SER A 140 7.00 15.97 14.65
CA SER A 140 7.12 15.17 15.86
C SER A 140 8.56 15.00 16.34
N ALA A 141 9.49 15.78 15.78
CA ALA A 141 10.92 15.64 16.08
C ALA A 141 11.55 17.01 15.88
N GLY A 142 11.23 17.92 16.79
CA GLY A 142 11.71 19.28 16.68
C GLY A 142 11.05 19.95 15.50
N ASN A 143 11.86 20.44 14.56
CA ASN A 143 11.29 21.01 13.35
C ASN A 143 11.14 19.97 12.24
N ASN A 144 11.53 18.73 12.50
CA ASN A 144 11.48 17.63 11.55
C ASN A 144 10.44 16.60 11.98
N SER A 145 10.22 15.61 11.10
CA SER A 145 9.14 14.63 11.22
C SER A 145 9.71 13.23 11.18
N LEU A 146 8.99 12.27 11.81
CA LEU A 146 9.45 10.90 11.92
C LEU A 146 8.81 10.00 10.87
N TYR A 147 9.25 8.76 10.84
CA TYR A 147 8.77 7.78 9.88
C TYR A 147 7.26 7.61 9.94
N ARG A 148 6.65 7.49 8.76
CA ARG A 148 5.22 7.27 8.56
C ARG A 148 4.36 8.47 8.98
N ASP A 149 4.96 9.54 9.53
CA ASP A 149 4.26 10.81 9.63
C ASP A 149 3.73 11.27 8.28
N THR A 150 2.76 12.18 8.32
CA THR A 150 2.11 12.65 7.11
C THR A 150 1.85 14.13 7.21
N ALA A 151 1.75 14.77 6.05
CA ALA A 151 1.11 16.07 5.92
C ALA A 151 0.16 16.00 4.74
N VAL A 152 -0.87 16.86 4.75
CA VAL A 152 -1.72 16.98 3.58
C VAL A 152 -1.93 18.45 3.20
N PHE A 153 -1.86 18.72 1.90
CA PHE A 153 -2.16 20.01 1.35
C PHE A 153 -3.59 20.03 0.82
N GLU A 154 -4.34 21.06 1.22
CA GLU A 154 -5.52 21.48 0.49
C GLU A 154 -5.10 22.52 -0.53
N CYS A 155 -5.62 22.39 -1.73
CA CYS A 155 -5.27 23.32 -2.79
C CYS A 155 -6.20 24.52 -2.67
N LEU A 156 -5.66 25.73 -2.83
CA LEU A 156 -6.43 26.97 -2.64
C LEU A 156 -7.48 27.21 -3.75
N PRO A 157 -8.48 28.08 -3.48
CA PRO A 157 -9.70 28.11 -4.32
C PRO A 157 -9.44 28.26 -5.81
N GLN A 158 -10.34 27.67 -6.58
CA GLN A 158 -10.36 27.65 -8.04
C GLN A 158 -9.20 26.88 -8.64
N HIS A 159 -8.50 26.10 -7.81
CA HIS A 159 -7.42 25.24 -8.28
C HIS A 159 -7.73 23.78 -7.97
N ALA A 160 -7.34 22.92 -8.89
CA ALA A 160 -7.62 21.49 -8.79
C ALA A 160 -6.31 20.74 -8.60
N MET A 161 -6.27 19.88 -7.58
CA MET A 161 -5.08 19.12 -7.25
C MET A 161 -4.98 17.85 -8.08
N PHE A 162 -3.76 17.52 -8.49
CA PHE A 162 -3.45 16.32 -9.25
C PHE A 162 -2.49 15.45 -8.46
N GLY A 163 -2.97 14.31 -7.98
CA GLY A 163 -2.18 13.41 -7.18
C GLY A 163 -2.67 13.41 -5.76
N ASN A 164 -2.26 12.43 -4.95
CA ASN A 164 -2.73 12.33 -3.57
C ASN A 164 -2.40 13.57 -2.80
N ASP A 165 -3.32 14.00 -1.97
CA ASP A 165 -3.10 15.19 -1.19
C ASP A 165 -2.27 14.96 0.05
N THR A 166 -2.04 13.70 0.41
CA THR A 166 -1.21 13.44 1.59
C THR A 166 0.16 12.93 1.15
N ILE A 167 1.20 13.41 1.85
CA ILE A 167 2.56 12.90 1.69
C ILE A 167 2.97 12.22 2.99
N THR A 168 3.73 11.14 2.85
CA THR A 168 4.27 10.41 3.99
C THR A 168 5.80 10.48 4.00
N CYS A 169 6.37 10.59 5.22
CA CYS A 169 7.80 10.35 5.46
C CYS A 169 8.11 8.86 5.29
N THR A 170 8.96 8.52 4.31
CA THR A 170 9.25 7.12 4.00
C THR A 170 10.42 6.59 4.86
N THR A 171 10.84 5.33 4.62
CA THR A 171 11.93 4.74 5.42
C THR A 171 13.25 5.46 5.12
N HIS A 172 13.52 5.74 3.86
CA HIS A 172 14.54 6.73 3.55
C HIS A 172 14.07 8.07 4.06
N GLY A 173 14.98 9.00 4.25
CA GLY A 173 14.49 10.17 4.95
C GLY A 173 13.68 11.16 4.12
N ASN A 174 13.07 10.75 3.01
CA ASN A 174 12.33 11.70 2.17
C ASN A 174 10.85 11.41 2.16
N TRP A 175 10.11 12.37 1.60
CA TRP A 175 8.66 12.33 1.46
C TRP A 175 8.24 11.63 0.15
N THR A 176 6.96 11.28 0.11
CA THR A 176 6.33 10.74 -1.09
C THR A 176 6.05 11.88 -2.07
N LYS A 177 5.56 11.50 -3.26
CA LYS A 177 5.36 12.46 -4.35
C LYS A 177 4.46 13.61 -3.95
N LEU A 178 4.84 14.79 -4.33
CA LEU A 178 4.05 15.96 -3.98
C LEU A 178 2.91 16.18 -4.99
N PRO A 179 1.77 16.72 -4.54
CA PRO A 179 0.70 17.06 -5.48
C PRO A 179 1.04 18.28 -6.31
N GLU A 180 0.55 18.28 -7.54
CA GLU A 180 0.54 19.47 -8.38
C GLU A 180 -0.82 20.16 -8.30
N CYS A 181 -0.84 21.43 -8.64
CA CYS A 181 -1.99 22.26 -8.29
C CYS A 181 -2.17 23.40 -9.29
N ARG A 182 -3.01 23.18 -10.31
CA ARG A 182 -3.25 24.14 -11.38
C ARG A 182 -4.63 24.79 -11.27
N GLU A 183 -4.81 25.87 -12.03
CA GLU A 183 -6.11 26.51 -12.16
C GLU A 183 -6.89 25.91 -13.31
N VAL A 184 -8.20 25.74 -13.12
CA VAL A 184 -9.06 25.15 -14.15
C VAL A 184 -10.34 25.97 -14.25
N LYS A 185 -10.65 26.41 -15.47
CA LYS A 185 -11.91 27.05 -15.84
C LYS A 185 -12.75 26.09 -16.68
N CYS A 186 -14.08 26.21 -16.58
CA CYS A 186 -14.97 25.49 -17.48
C CYS A 186 -15.86 26.46 -18.23
N PRO A 187 -16.30 26.10 -19.44
CA PRO A 187 -17.26 26.95 -20.16
C PRO A 187 -18.58 27.04 -19.42
N PHE A 188 -19.46 27.92 -19.91
CA PHE A 188 -20.81 27.96 -19.36
C PHE A 188 -21.60 26.74 -19.85
N PRO A 189 -22.50 26.20 -19.02
CA PRO A 189 -23.26 25.02 -19.45
C PRO A 189 -24.42 25.41 -20.35
N SER A 190 -24.71 24.51 -21.29
CA SER A 190 -25.79 24.75 -22.23
C SER A 190 -27.16 24.58 -21.56
N ARG A 191 -28.05 25.57 -21.74
CA ARG A 191 -29.44 25.46 -21.28
C ARG A 191 -30.18 24.39 -22.09
N PRO A 192 -30.91 23.47 -21.45
CA PRO A 192 -31.55 22.39 -22.20
C PRO A 192 -32.91 22.83 -22.74
N ASP A 193 -33.28 22.26 -23.87
CA ASP A 193 -34.63 22.52 -24.39
C ASP A 193 -35.68 22.00 -23.41
N ASN A 194 -36.75 22.78 -23.26
CA ASN A 194 -37.83 22.51 -22.30
C ASN A 194 -37.31 22.46 -20.87
N GLY A 195 -36.24 23.18 -20.58
CA GLY A 195 -35.72 23.23 -19.23
C GLY A 195 -34.96 24.52 -18.99
N PHE A 196 -34.38 24.59 -17.79
CA PHE A 196 -33.59 25.75 -17.38
C PHE A 196 -32.29 25.29 -16.73
N VAL A 197 -31.40 26.24 -16.49
CA VAL A 197 -30.12 25.97 -15.84
C VAL A 197 -29.74 27.16 -14.97
N ASN A 198 -29.11 26.88 -13.84
CA ASN A 198 -28.74 27.90 -12.89
C ASN A 198 -27.26 27.76 -12.53
N TYR A 199 -26.52 28.85 -12.68
CA TYR A 199 -25.12 28.84 -12.31
C TYR A 199 -24.76 30.20 -11.74
N PRO A 200 -23.63 30.32 -11.03
CA PRO A 200 -23.28 31.62 -10.44
C PRO A 200 -23.11 32.70 -11.50
N ALA A 201 -23.39 33.95 -11.10
CA ALA A 201 -23.35 35.11 -12.00
C ALA A 201 -21.99 35.78 -11.90
N LYS A 202 -21.09 35.41 -12.80
CA LYS A 202 -19.70 35.84 -12.77
C LYS A 202 -19.06 35.45 -14.11
N PRO A 203 -18.04 36.20 -14.57
CA PRO A 203 -17.59 36.02 -15.97
C PRO A 203 -16.98 34.68 -16.29
N THR A 204 -16.33 34.02 -15.33
CA THR A 204 -15.63 32.79 -15.67
C THR A 204 -15.92 31.78 -14.57
N LEU A 205 -16.16 30.54 -14.96
CA LEU A 205 -16.54 29.50 -14.01
C LEU A 205 -15.37 28.53 -13.79
N TYR A 206 -15.08 28.25 -12.51
CA TYR A 206 -13.88 27.53 -12.09
C TYR A 206 -14.19 26.14 -11.54
N TYR A 207 -13.14 25.49 -11.02
CA TYR A 207 -13.21 24.11 -10.54
C TYR A 207 -14.16 23.99 -9.35
N LYS A 208 -14.95 22.92 -9.35
CA LYS A 208 -15.94 22.58 -8.32
C LYS A 208 -17.02 23.64 -8.19
N ASP A 209 -17.09 24.56 -9.15
CA ASP A 209 -18.27 25.42 -9.28
C ASP A 209 -19.44 24.57 -9.77
N LYS A 210 -20.61 24.80 -9.16
CA LYS A 210 -21.79 23.96 -9.36
C LYS A 210 -22.88 24.70 -10.15
N ALA A 211 -23.35 24.05 -11.22
CA ALA A 211 -24.54 24.48 -11.95
C ALA A 211 -25.65 23.43 -11.82
N THR A 212 -26.88 23.90 -11.59
CA THR A 212 -28.02 23.02 -11.37
C THR A 212 -29.10 23.19 -12.46
N PHE A 213 -29.79 22.08 -12.78
CA PHE A 213 -30.73 21.98 -13.90
C PHE A 213 -32.16 21.70 -13.42
N GLY A 214 -33.10 21.86 -14.37
CA GLY A 214 -34.52 21.66 -14.13
C GLY A 214 -35.30 21.53 -15.42
N CYS A 215 -36.48 20.92 -15.32
CA CYS A 215 -37.29 20.64 -16.49
C CYS A 215 -38.71 21.20 -16.36
N HIS A 216 -39.31 21.44 -17.51
CA HIS A 216 -40.68 21.93 -17.58
C HIS A 216 -41.65 20.79 -17.32
N ASP A 217 -42.92 21.09 -17.18
CA ASP A 217 -43.86 20.09 -16.73
C ASP A 217 -44.00 18.80 -17.50
N GLY A 218 -43.89 18.78 -18.80
CA GLY A 218 -44.00 17.50 -19.47
C GLY A 218 -42.71 16.73 -19.63
N TYR A 219 -41.62 17.27 -19.10
CA TYR A 219 -40.31 16.66 -19.25
C TYR A 219 -39.57 16.41 -17.94
N SER A 220 -38.68 15.42 -17.95
CA SER A 220 -37.80 15.16 -16.81
C SER A 220 -36.35 15.14 -17.30
N LEU A 221 -35.43 15.01 -16.35
CA LEU A 221 -34.00 15.11 -16.61
C LEU A 221 -33.39 13.80 -17.10
N ASP A 222 -32.52 13.93 -18.09
CA ASP A 222 -31.73 12.85 -18.66
C ASP A 222 -30.60 12.38 -17.76
N GLY A 223 -30.34 13.11 -16.66
CA GLY A 223 -29.17 12.95 -15.85
C GLY A 223 -29.28 13.75 -14.56
N PRO A 224 -28.14 14.06 -13.95
CA PRO A 224 -28.18 14.58 -12.56
C PRO A 224 -28.63 16.02 -12.48
N GLU A 225 -29.41 16.32 -11.46
CA GLU A 225 -29.87 17.69 -11.24
C GLU A 225 -28.71 18.66 -11.04
N GLU A 226 -27.62 18.22 -10.43
CA GLU A 226 -26.49 19.10 -10.16
C GLU A 226 -25.27 18.57 -10.92
N ILE A 227 -24.47 19.49 -11.46
CA ILE A 227 -23.20 19.14 -12.07
C ILE A 227 -22.15 20.08 -11.50
N GLU A 228 -20.88 19.76 -11.72
CA GLU A 228 -19.79 20.60 -11.27
C GLU A 228 -18.66 20.59 -12.28
N CYS A 229 -17.88 21.65 -12.24
CA CYS A 229 -16.72 21.79 -13.12
C CYS A 229 -15.59 20.89 -12.59
N THR A 230 -15.16 19.95 -13.40
CA THR A 230 -14.15 19.00 -12.99
C THR A 230 -12.70 19.39 -13.18
N LYS A 231 -11.83 18.45 -12.88
CA LYS A 231 -10.40 18.63 -12.99
C LYS A 231 -10.01 18.88 -14.42
N LEU A 232 -10.58 18.11 -15.32
CA LEU A 232 -10.22 18.20 -16.72
C LEU A 232 -10.81 19.33 -17.51
N GLY A 233 -11.58 20.20 -16.88
CA GLY A 233 -12.08 21.32 -17.65
C GLY A 233 -13.45 21.15 -18.29
N ASN A 234 -13.99 19.93 -18.36
CA ASN A 234 -15.38 19.72 -18.72
C ASN A 234 -16.21 19.59 -17.45
N TRP A 235 -17.52 19.33 -17.61
CA TRP A 235 -18.45 19.25 -16.49
C TRP A 235 -18.73 17.79 -16.11
N SER A 236 -19.23 17.59 -14.90
CA SER A 236 -19.66 16.27 -14.44
C SER A 236 -20.50 15.57 -15.48
N ALA A 237 -21.56 16.25 -15.93
CA ALA A 237 -22.39 15.80 -17.04
C ALA A 237 -23.05 17.02 -17.67
N MET A 238 -23.81 16.77 -18.74
CA MET A 238 -24.59 17.81 -19.43
C MET A 238 -25.96 17.26 -19.76
N PRO A 239 -26.89 17.31 -18.79
CA PRO A 239 -28.19 16.63 -18.98
C PRO A 239 -29.16 17.42 -19.86
N SER A 240 -30.05 16.67 -20.54
CA SER A 240 -31.16 17.23 -21.30
C SER A 240 -32.49 16.99 -20.58
N CYS A 241 -33.49 17.78 -20.95
CA CYS A 241 -34.88 17.51 -20.59
C CYS A 241 -35.52 16.65 -21.68
N LYS A 242 -35.86 15.41 -21.36
CA LYS A 242 -36.55 14.56 -22.31
C LYS A 242 -38.05 14.52 -22.03
N ALA A 243 -38.81 14.11 -23.04
CA ALA A 243 -40.27 14.13 -22.97
C ALA A 243 -40.82 12.89 -22.26
N SER A 244 -41.77 13.09 -21.35
CA SER A 244 -42.55 11.99 -20.77
C SER A 244 -43.49 11.39 -21.82
N CYS A 245 -44.01 10.22 -21.51
CA CYS A 245 -44.91 9.53 -22.38
C CYS A 245 -46.26 9.43 -21.78
N LYS A 246 -47.30 9.42 -22.60
CA LYS A 246 -48.62 9.19 -22.09
C LYS A 246 -48.77 7.69 -21.94
N VAL A 247 -49.60 7.23 -21.02
CA VAL A 247 -49.74 5.80 -20.87
C VAL A 247 -50.39 5.28 -22.14
N PRO A 248 -49.77 4.23 -22.73
CA PRO A 248 -50.23 3.63 -23.97
C PRO A 248 -51.61 3.04 -23.91
N VAL A 249 -51.90 2.34 -22.90
CA VAL A 249 -53.18 1.67 -22.86
C VAL A 249 -54.05 2.24 -21.77
N LYS A 250 -55.30 1.80 -21.73
CA LYS A 250 -56.20 2.26 -20.69
C LYS A 250 -56.11 1.46 -19.42
N LYS A 251 -56.03 0.14 -19.56
CA LYS A 251 -55.98 -0.75 -18.41
C LYS A 251 -55.01 -1.89 -18.72
N ALA A 252 -53.99 -2.07 -17.88
CA ALA A 252 -53.10 -3.21 -18.06
C ALA A 252 -52.30 -3.47 -16.79
N THR A 253 -51.95 -4.72 -16.58
CA THR A 253 -51.06 -5.08 -15.48
C THR A 253 -49.69 -5.34 -16.06
N VAL A 254 -48.68 -4.65 -15.53
CA VAL A 254 -47.35 -4.73 -16.09
C VAL A 254 -46.36 -4.95 -14.96
N VAL A 255 -45.14 -5.31 -15.33
CA VAL A 255 -44.06 -5.48 -14.37
C VAL A 255 -43.21 -4.22 -14.41
N TYR A 256 -43.16 -3.49 -13.31
CA TYR A 256 -42.35 -2.29 -13.17
C TYR A 256 -41.41 -2.49 -11.99
N GLN A 257 -40.12 -2.62 -12.28
CA GLN A 257 -39.10 -2.81 -11.24
C GLN A 257 -39.42 -4.05 -10.42
N GLY A 258 -39.58 -5.17 -11.14
CA GLY A 258 -39.68 -6.48 -10.51
C GLY A 258 -41.00 -6.76 -9.83
N GLU A 259 -41.76 -5.73 -9.51
CA GLU A 259 -43.09 -5.87 -8.93
C GLU A 259 -44.14 -5.75 -10.02
N ARG A 260 -45.26 -6.43 -9.86
CA ARG A 260 -46.32 -6.33 -10.85
C ARG A 260 -47.29 -5.26 -10.39
N VAL A 261 -47.59 -4.30 -11.26
CA VAL A 261 -48.38 -3.10 -10.94
C VAL A 261 -49.45 -2.87 -12.00
N LYS A 262 -50.44 -2.05 -11.67
CA LYS A 262 -51.42 -1.58 -12.64
C LYS A 262 -50.90 -0.28 -13.26
N ILE A 263 -50.65 -0.32 -14.59
CA ILE A 263 -49.92 0.77 -15.25
C ILE A 263 -50.70 2.08 -15.21
N GLN A 264 -52.04 2.02 -15.23
CA GLN A 264 -52.87 3.20 -15.08
C GLN A 264 -52.83 3.79 -13.67
N GLU A 265 -52.37 3.03 -12.67
CA GLU A 265 -52.20 3.59 -11.34
C GLU A 265 -50.78 4.10 -11.10
N LYS A 266 -49.78 3.25 -11.39
CA LYS A 266 -48.39 3.62 -11.12
C LYS A 266 -47.97 4.85 -11.91
N PHE A 267 -48.52 5.03 -13.11
CA PHE A 267 -48.13 6.16 -13.97
C PHE A 267 -49.33 7.05 -14.26
N LYS A 268 -50.09 7.41 -13.22
CA LYS A 268 -51.28 8.21 -13.42
C LYS A 268 -50.95 9.58 -13.99
N ASN A 269 -49.71 10.05 -13.83
CA ASN A 269 -49.31 11.34 -14.39
C ASN A 269 -48.27 11.20 -15.49
N GLY A 270 -48.33 10.11 -16.25
CA GLY A 270 -47.41 9.88 -17.33
C GLY A 270 -46.22 9.03 -16.90
N MET A 271 -45.60 8.43 -17.90
CA MET A 271 -44.33 7.74 -17.69
C MET A 271 -43.19 8.71 -17.94
N LEU A 272 -42.20 8.71 -17.02
CA LEU A 272 -40.99 9.48 -17.16
C LEU A 272 -40.08 8.84 -18.21
N HIS A 273 -39.09 9.63 -18.67
CA HIS A 273 -38.25 9.22 -19.78
C HIS A 273 -37.44 7.95 -19.47
N GLY A 274 -37.00 7.75 -18.23
CA GLY A 274 -36.36 6.47 -17.91
C GLY A 274 -37.28 5.25 -18.06
N ASP A 275 -38.52 5.37 -17.54
CA ASP A 275 -39.36 4.25 -17.13
C ASP A 275 -39.50 3.12 -18.15
N LYS A 276 -39.16 1.88 -17.73
CA LYS A 276 -39.44 0.68 -18.51
C LYS A 276 -40.37 -0.25 -17.74
N VAL A 277 -41.28 -0.89 -18.46
CA VAL A 277 -42.24 -1.82 -17.90
C VAL A 277 -42.27 -3.05 -18.78
N SER A 278 -42.93 -4.10 -18.30
CA SER A 278 -43.02 -5.36 -19.03
C SER A 278 -44.50 -5.73 -19.19
N PHE A 279 -44.91 -6.00 -20.42
CA PHE A 279 -46.31 -6.31 -20.68
C PHE A 279 -46.51 -7.82 -20.69
N PHE A 280 -47.75 -8.25 -20.53
CA PHE A 280 -48.05 -9.67 -20.45
C PHE A 280 -48.65 -10.17 -21.75
N CYS A 281 -48.07 -11.22 -22.30
CA CYS A 281 -48.54 -11.81 -23.55
C CYS A 281 -48.79 -13.31 -23.36
N LYS A 282 -49.69 -13.84 -24.20
CA LYS A 282 -50.13 -15.22 -24.15
C LYS A 282 -49.41 -16.07 -25.20
N ASN A 283 -48.70 -17.09 -24.74
CA ASN A 283 -48.24 -18.20 -25.58
C ASN A 283 -49.41 -19.16 -25.73
N LYS A 284 -50.02 -19.21 -26.92
CA LYS A 284 -51.22 -20.02 -27.10
C LYS A 284 -50.88 -21.50 -27.26
N GLU A 285 -49.68 -21.81 -27.73
CA GLU A 285 -49.30 -23.20 -27.96
C GLU A 285 -49.11 -23.92 -26.64
N LYS A 286 -48.37 -23.29 -25.74
CA LYS A 286 -48.14 -23.85 -24.44
C LYS A 286 -49.14 -23.34 -23.40
N LYS A 287 -50.08 -22.52 -23.84
CA LYS A 287 -51.09 -21.99 -22.94
C LYS A 287 -50.60 -21.34 -21.65
N CYS A 288 -49.64 -20.43 -21.76
CA CYS A 288 -49.10 -19.73 -20.60
C CYS A 288 -48.81 -18.26 -20.88
N SER A 289 -48.34 -17.53 -19.88
CA SER A 289 -48.02 -16.12 -20.05
C SER A 289 -46.50 -15.91 -20.14
N TYR A 290 -46.09 -14.95 -20.96
CA TYR A 290 -44.73 -14.45 -20.94
C TYR A 290 -44.77 -12.92 -21.02
N THR A 291 -43.61 -12.30 -20.83
CA THR A 291 -43.52 -10.84 -20.87
C THR A 291 -42.58 -10.36 -21.98
N GLU A 292 -42.72 -9.08 -22.31
CA GLU A 292 -41.87 -8.40 -23.27
C GLU A 292 -41.76 -6.94 -22.88
N ASP A 293 -40.55 -6.41 -22.96
CA ASP A 293 -40.25 -5.10 -22.40
C ASP A 293 -40.64 -3.96 -23.35
N ALA A 294 -40.86 -2.79 -22.76
CA ALA A 294 -41.25 -1.60 -23.48
C ALA A 294 -40.81 -0.40 -22.65
N GLN A 295 -40.21 0.59 -23.30
CA GLN A 295 -39.62 1.71 -22.57
C GLN A 295 -40.07 3.04 -23.17
N CYS A 296 -40.45 3.97 -22.30
CA CYS A 296 -40.69 5.35 -22.66
C CYS A 296 -39.38 6.01 -23.06
N ILE A 297 -39.27 6.46 -24.32
CA ILE A 297 -38.05 7.10 -24.82
C ILE A 297 -38.45 8.42 -25.47
N ASP A 298 -38.24 9.52 -24.77
CA ASP A 298 -38.52 10.86 -25.29
C ASP A 298 -39.92 10.94 -25.88
N GLY A 299 -40.91 10.72 -25.01
CA GLY A 299 -42.31 10.80 -25.37
C GLY A 299 -42.86 9.64 -26.18
N THR A 300 -42.04 8.68 -26.59
CA THR A 300 -42.52 7.51 -27.31
C THR A 300 -42.28 6.24 -26.50
N ILE A 301 -43.32 5.42 -26.38
CA ILE A 301 -43.20 4.05 -25.90
C ILE A 301 -44.04 3.17 -26.80
N GLU A 302 -43.50 2.01 -27.18
CA GLU A 302 -44.17 1.08 -28.08
C GLU A 302 -44.58 -0.16 -27.31
N VAL A 303 -45.88 -0.40 -27.23
CA VAL A 303 -46.38 -1.65 -26.63
C VAL A 303 -45.94 -2.81 -27.50
N PRO A 304 -45.59 -3.97 -26.92
CA PRO A 304 -45.25 -5.14 -27.75
C PRO A 304 -46.37 -5.52 -28.71
N LYS A 305 -45.98 -6.26 -29.75
CA LYS A 305 -46.92 -6.65 -30.78
C LYS A 305 -47.93 -7.69 -30.28
N CYS A 306 -47.47 -8.56 -29.39
CA CYS A 306 -48.27 -9.68 -28.90
C CYS A 306 -49.38 -9.25 -27.93
N PHE A 307 -49.35 -8.02 -27.43
CA PHE A 307 -50.31 -7.54 -26.45
C PHE A 307 -51.69 -7.31 -27.07
N LYS A 308 -52.65 -8.19 -26.74
CA LYS A 308 -54.07 -7.93 -26.97
C LYS A 308 -54.66 -7.33 -25.71
N GLU A 309 -55.22 -6.11 -25.82
CA GLU A 309 -55.58 -5.31 -24.66
C GLU A 309 -56.37 -6.13 -23.62
N HIS A 310 -56.01 -5.94 -22.33
CA HIS A 310 -56.59 -6.68 -21.19
C HIS A 310 -58.10 -6.47 -21.11
N SER A 311 -58.64 -5.61 -22.00
CA SER A 311 -60.07 -5.38 -22.22
C SER A 311 -60.99 -6.56 -21.86
N LYS A 317 -61.56 -15.33 -23.31
CA LYS A 317 -60.56 -15.91 -22.41
C LYS A 317 -60.28 -15.01 -21.19
N THR A 318 -59.09 -15.18 -20.62
CA THR A 318 -58.67 -14.45 -19.43
C THR A 318 -57.51 -13.50 -19.77
N ASP A 319 -57.33 -12.49 -18.92
CA ASP A 319 -56.24 -11.52 -19.09
C ASP A 319 -54.88 -12.20 -19.11
N ALA A 320 -54.00 -11.70 -19.97
CA ALA A 320 -52.68 -12.30 -20.09
C ALA A 320 -51.96 -12.33 -18.74
N SER A 321 -52.17 -11.31 -17.91
CA SER A 321 -51.38 -11.24 -16.70
C SER A 321 -51.84 -12.26 -15.65
N ASP A 322 -53.01 -12.85 -15.84
CA ASP A 322 -53.55 -13.83 -14.90
C ASP A 322 -53.32 -15.26 -15.36
N VAL A 323 -52.61 -15.45 -16.42
CA VAL A 323 -52.32 -16.78 -16.92
C VAL A 323 -51.01 -17.23 -16.31
N LYS A 324 -50.93 -18.53 -16.02
CA LYS A 324 -49.74 -19.09 -15.38
C LYS A 324 -48.51 -18.82 -16.23
N PRO A 325 -47.36 -18.58 -15.60
CA PRO A 325 -46.15 -18.27 -16.37
C PRO A 325 -45.66 -19.47 -17.14
N CYS A 326 -44.92 -19.20 -18.22
CA CYS A 326 -44.36 -20.23 -19.07
C CYS A 326 -43.12 -20.81 -18.44
C1 NAG B . 12.73 9.24 -2.16
C2 NAG B . 13.06 9.73 -3.53
C3 NAG B . 12.77 8.62 -4.54
C4 NAG B . 13.37 7.28 -4.10
C5 NAG B . 13.54 7.08 -2.57
C6 NAG B . 14.77 6.29 -2.16
C7 NAG B . 11.04 11.10 -4.01
C8 NAG B . 10.55 12.47 -4.34
N2 NAG B . 12.36 10.97 -3.88
O3 NAG B . 13.30 9.01 -5.80
O4 NAG B . 12.46 6.29 -4.56
O5 NAG B . 13.60 8.30 -1.81
O6 NAG B . 15.66 5.95 -3.22
O7 NAG B . 10.26 10.16 -3.86
C1 NAG B . 12.94 5.23 -5.43
C2 NAG B . 13.84 5.79 -6.55
C3 NAG B . 14.40 4.66 -7.43
C4 NAG B . 14.94 3.49 -6.59
C5 NAG B . 13.96 3.09 -5.49
C6 NAG B . 14.48 2.01 -4.56
C7 NAG B . 13.66 7.55 -8.29
C8 NAG B . 12.72 8.43 -9.06
N2 NAG B . 13.10 6.73 -7.39
O3 NAG B . 15.44 5.22 -8.22
O4 NAG B . 15.25 2.31 -7.36
O5 NAG B . 13.65 4.23 -4.68
O6 NAG B . 15.73 2.35 -3.98
O7 NAG B . 14.88 7.57 -8.47
C1 MAN B . 15.13 2.09 -8.82
C2 MAN B . 16.43 2.67 -9.56
C3 MAN B . 16.02 3.49 -10.83
C4 MAN B . 15.04 2.70 -11.72
C5 MAN B . 13.72 2.37 -10.91
C6 MAN B . 13.20 0.93 -11.13
O2 MAN B . 17.32 1.60 -9.98
O3 MAN B . 17.15 3.97 -11.60
O4 MAN B . 14.74 3.43 -12.91
O5 MAN B . 13.88 2.59 -9.44
O6 MAN B . 11.92 1.02 -11.74
C1 FUC B . 16.71 6.92 -3.48
C2 FUC B . 17.87 6.75 -2.46
C3 FUC B . 19.21 7.30 -3.03
C4 FUC B . 19.02 8.34 -4.22
C5 FUC B . 18.18 7.71 -5.36
C6 FUC B . 17.45 8.73 -6.28
O2 FUC B . 17.99 5.40 -2.01
O3 FUC B . 19.98 7.94 -2.00
O4 FUC B . 18.42 9.55 -3.76
O5 FUC B . 17.17 6.79 -4.85
C1 NAG C . -14.02 15.04 -19.79
C2 NAG C . -14.92 13.80 -20.00
C3 NAG C . -14.10 12.51 -19.84
C4 NAG C . -12.85 12.54 -20.70
C5 NAG C . -12.08 13.82 -20.37
C6 NAG C . -10.80 13.99 -21.15
C7 NAG C . -17.30 14.00 -19.46
C8 NAG C . -18.33 13.97 -18.37
N2 NAG C . -16.05 13.81 -19.08
O3 NAG C . -14.90 11.38 -20.17
O4 NAG C . -12.03 11.41 -20.41
O5 NAG C . -12.89 14.96 -20.65
O6 NAG C . -10.93 13.50 -22.47
O7 NAG C . -17.62 14.19 -20.64
C1 NAG C . -11.93 10.50 -21.53
C2 NAG C . -10.48 10.00 -21.65
C3 NAG C . -10.33 9.08 -22.87
C4 NAG C . -11.67 8.66 -23.46
C5 NAG C . -12.75 8.37 -22.39
C6 NAG C . -12.58 7.04 -21.70
C7 NAG C . -8.23 10.99 -21.59
C8 NAG C . -7.45 12.27 -21.71
N2 NAG C . -9.56 11.11 -21.72
O3 NAG C . -9.56 7.93 -22.54
O4 NAG C . -12.14 9.62 -24.41
O5 NAG C . -12.81 9.38 -21.36
O6 NAG C . -11.69 6.17 -22.40
O7 NAG C . -7.70 9.92 -21.39
C1 FUC C . -10.25 14.49 -23.27
C2 FUC C . -10.34 14.01 -24.75
C3 FUC C . -10.79 15.14 -25.67
C4 FUC C . -10.07 16.46 -25.28
C5 FUC C . -10.45 16.90 -23.84
C6 FUC C . -9.34 17.63 -23.09
O2 FUC C . -11.13 12.81 -24.91
O3 FUC C . -10.48 14.79 -27.02
O4 FUC C . -8.65 16.32 -25.36
O5 FUC C . -10.85 15.77 -23.02
C1 NAG D . 13.56 24.84 15.27
C2 NAG D . 15.00 25.23 15.72
C3 NAG D . 15.24 26.73 15.52
C4 NAG D . 14.62 27.19 14.22
C5 NAG D . 13.11 27.17 14.36
C6 NAG D . 12.36 27.06 13.05
C7 NAG D . 16.43 24.83 17.70
C8 NAG D . 16.44 24.41 19.14
N2 NAG D . 15.23 24.84 17.10
O3 NAG D . 16.64 27.00 15.53
O4 NAG D . 15.05 28.52 13.94
O5 NAG D . 12.68 26.07 15.20
O6 NAG D . 10.99 27.43 13.20
O7 NAG D . 17.45 25.16 17.10
C1 NAG E . -4.24 8.36 -1.49
C2 NAG E . -3.90 7.32 -0.38
C3 NAG E . -5.03 6.29 -0.26
C4 NAG E . -6.39 6.96 -0.11
C5 NAG E . -6.62 7.96 -1.24
C6 NAG E . -7.90 8.74 -1.09
C7 NAG E . -1.96 5.92 0.25
C8 NAG E . -0.67 5.29 -0.23
N2 NAG E . -2.63 6.65 -0.65
O3 NAG E . -4.82 5.44 0.87
O4 NAG E . -7.41 5.97 -0.16
O5 NAG E . -5.55 8.92 -1.25
O6 NAG E . -7.66 10.15 -1.01
O7 NAG E . -2.36 5.77 1.40
#